data_7T2I
#
_entry.id   7T2I
#
_cell.length_a   45.347
_cell.length_b   54.509
_cell.length_c   121.983
_cell.angle_alpha   90.000
_cell.angle_beta   90.000
_cell.angle_gamma   90.000
#
_symmetry.space_group_name_H-M   'P 21 21 21'
#
loop_
_entity.id
_entity.type
_entity.pdbx_description
1 polymer 'Transcription initiation factor TFIID subunit 1'
2 non-polymer 'DIMETHYL SULFOXIDE'
3 non-polymer 1,2-ETHANEDIOL
4 non-polymer 4-(6-{1-[(R)-S-methanesulfonimidoyl]cyclopropyl}-2-[(3R)-3-methylmorpholin-4-yl]pyrimidin-4-yl)-1H-pyrrolo[2,3-b]pyridine
5 water water
#
_entity_poly.entity_id   1
_entity_poly.type   'polypeptide(L)'
_entity_poly.pdbx_seq_one_letter_code
;SMSIHRRRTDPMVTLSSILESIINDMRDLPNTYPFHTPVNAKVVKDYYKIITRPMDLQTLRENVRKRLYPSREEFREHLE
LIVKNSATYNGPKHSLTQISQSMLDLCDEKLKEKEDKLARLEKAINPLLDDDDQVAFSFILDNIVTQKMMAVPDSWPFHH
PVNKKFVPDYYKVIVNPMDLETIRKNISKHKYQSRESFLDDVNLILANSVKYNGPESQYTKTAQEIVNVCYQTLTEYDEH
LTQLEKDICTAKEAALEEAELESLD
;
_entity_poly.pdbx_strand_id   A
#
# COMPACT_ATOMS: atom_id res chain seq x y z
N ASP A 10 -5.23 -4.03 25.93
CA ASP A 10 -4.43 -4.24 24.70
C ASP A 10 -4.97 -3.40 23.55
N PRO A 11 -4.21 -2.39 23.11
CA PRO A 11 -4.73 -1.49 22.06
C PRO A 11 -5.00 -2.17 20.71
N MET A 12 -4.32 -3.29 20.42
CA MET A 12 -4.61 -4.02 19.19
C MET A 12 -6.03 -4.63 19.22
N VAL A 13 -6.49 -5.04 20.39
CA VAL A 13 -7.84 -5.59 20.54
C VAL A 13 -8.88 -4.50 20.35
N THR A 14 -8.69 -3.35 21.02
CA THR A 14 -9.63 -2.22 20.86
C THR A 14 -9.67 -1.79 19.39
N LEU A 15 -8.49 -1.64 18.78
CA LEU A 15 -8.48 -1.30 17.37
C LEU A 15 -9.27 -2.30 16.56
N SER A 16 -9.02 -3.59 16.78
CA SER A 16 -9.69 -4.63 16.00
C SER A 16 -11.21 -4.57 16.17
N SER A 17 -11.68 -4.23 17.37
CA SER A 17 -13.12 -4.15 17.59
C SER A 17 -13.72 -3.01 16.78
N ILE A 18 -12.99 -1.88 16.71
CA ILE A 18 -13.44 -0.76 15.86
C ILE A 18 -13.50 -1.17 14.38
N LEU A 19 -12.45 -1.85 13.91
CA LEU A 19 -12.44 -2.21 12.51
C LEU A 19 -13.56 -3.17 12.19
N GLU A 20 -13.80 -4.15 13.09
CA GLU A 20 -14.90 -5.08 12.84
C GLU A 20 -16.24 -4.37 12.79
N SER A 21 -16.43 -3.38 13.66
CA SER A 21 -17.68 -2.64 13.63
C SER A 21 -17.84 -1.93 12.29
N ILE A 22 -16.73 -1.44 11.73
CA ILE A 22 -16.83 -0.81 10.41
C ILE A 22 -17.23 -1.84 9.36
N ILE A 23 -16.67 -3.03 9.44
CA ILE A 23 -17.07 -4.10 8.51
C ILE A 23 -18.56 -4.41 8.66
N ASN A 24 -19.06 -4.48 9.89
CA ASN A 24 -20.50 -4.69 10.06
C ASN A 24 -21.28 -3.60 9.35
N ASP A 25 -20.84 -2.35 9.47
CA ASP A 25 -21.61 -1.27 8.85
C ASP A 25 -21.57 -1.36 7.33
N MET A 26 -20.40 -1.71 6.78
CA MET A 26 -20.33 -1.83 5.34
C MET A 26 -21.08 -3.03 4.81
N ARG A 27 -21.09 -4.14 5.53
CA ARG A 27 -21.86 -5.31 5.12
C ARG A 27 -23.35 -4.98 5.02
N ASP A 28 -23.84 -4.06 5.86
CA ASP A 28 -25.26 -3.65 5.89
C ASP A 28 -25.68 -2.68 4.76
N LEU A 29 -24.75 -2.17 3.93
CA LEU A 29 -25.14 -1.27 2.86
C LEU A 29 -25.84 -2.10 1.78
N PRO A 30 -26.76 -1.48 1.06
CA PRO A 30 -27.51 -2.21 0.04
C PRO A 30 -26.66 -2.80 -1.07
N ASN A 31 -27.07 -4.02 -1.46
CA ASN A 31 -26.56 -4.69 -2.65
C ASN A 31 -25.11 -5.11 -2.52
N THR A 32 -24.59 -5.17 -1.28
CA THR A 32 -23.16 -5.46 -1.06
C THR A 32 -22.83 -6.94 -1.03
N TYR A 33 -23.83 -7.80 -1.06
CA TYR A 33 -23.61 -9.23 -0.88
C TYR A 33 -22.52 -9.83 -1.79
N PRO A 34 -22.40 -9.44 -3.07
CA PRO A 34 -21.35 -10.03 -3.92
C PRO A 34 -19.95 -9.82 -3.35
N PHE A 35 -19.79 -8.91 -2.39
CA PHE A 35 -18.51 -8.61 -1.77
C PHE A 35 -18.34 -9.18 -0.38
N HIS A 36 -19.35 -9.89 0.14
CA HIS A 36 -19.27 -10.39 1.51
C HIS A 36 -18.33 -11.58 1.71
N THR A 37 -18.09 -12.37 0.66
CA THR A 37 -17.32 -13.61 0.72
C THR A 37 -16.47 -13.72 -0.52
N PRO A 38 -15.45 -14.60 -0.51
CA PRO A 38 -14.54 -14.66 -1.65
C PRO A 38 -15.29 -15.01 -2.93
N VAL A 39 -14.86 -14.41 -4.04
CA VAL A 39 -15.30 -14.88 -5.34
C VAL A 39 -15.00 -16.37 -5.48
N ASN A 40 -15.99 -17.09 -6.01
CA ASN A 40 -15.88 -18.50 -6.31
C ASN A 40 -15.21 -18.60 -7.66
N ALA A 41 -13.92 -18.86 -7.64
CA ALA A 41 -13.17 -18.92 -8.87
C ALA A 41 -13.49 -20.11 -9.76
N LYS A 42 -14.26 -21.07 -9.28
CA LYS A 42 -14.72 -22.12 -10.20
C LYS A 42 -16.02 -21.76 -10.93
N VAL A 43 -16.75 -20.77 -10.48
CA VAL A 43 -17.86 -20.22 -11.23
C VAL A 43 -17.40 -19.05 -12.11
N VAL A 44 -16.65 -18.12 -11.53
CA VAL A 44 -16.13 -16.99 -12.30
C VAL A 44 -14.75 -17.48 -12.76
N LYS A 45 -14.73 -18.22 -13.87
CA LYS A 45 -13.57 -19.08 -14.16
C LYS A 45 -12.32 -18.31 -14.58
N ASP A 46 -12.46 -17.08 -15.06
CA ASP A 46 -11.29 -16.29 -15.48
C ASP A 46 -10.87 -15.32 -14.40
N TYR A 47 -11.46 -15.43 -13.21
CA TYR A 47 -11.25 -14.38 -12.22
C TYR A 47 -9.77 -14.22 -11.89
N TYR A 48 -9.07 -15.35 -11.62
CA TYR A 48 -7.66 -15.20 -11.22
C TYR A 48 -6.73 -14.95 -12.41
N LYS A 49 -7.20 -15.08 -13.66
CA LYS A 49 -6.41 -14.65 -14.79
C LYS A 49 -6.41 -13.14 -14.92
N ILE A 50 -7.36 -12.47 -14.27
CA ILE A 50 -7.50 -11.00 -14.35
C ILE A 50 -7.12 -10.34 -13.01
N ILE A 51 -7.44 -10.96 -11.88
CA ILE A 51 -7.26 -10.34 -10.57
C ILE A 51 -6.06 -10.98 -9.85
N THR A 52 -5.21 -10.15 -9.24
CA THR A 52 -4.01 -10.59 -8.57
C THR A 52 -4.15 -10.67 -7.08
N ARG A 53 -4.97 -9.80 -6.49
CA ARG A 53 -5.14 -9.65 -5.04
C ARG A 53 -6.61 -9.70 -4.65
N PRO A 54 -7.18 -10.90 -4.63
CA PRO A 54 -8.58 -11.04 -4.24
C PRO A 54 -8.78 -10.55 -2.82
N MET A 55 -9.94 -9.94 -2.59
CA MET A 55 -10.26 -9.54 -1.21
C MET A 55 -11.78 -9.45 -1.10
N ASP A 56 -12.30 -9.61 0.11
CA ASP A 56 -13.75 -9.60 0.40
C ASP A 56 -13.94 -9.31 1.87
N LEU A 57 -15.19 -9.05 2.26
CA LEU A 57 -15.40 -8.62 3.64
C LEU A 57 -15.16 -9.72 4.64
N GLN A 58 -15.45 -10.98 4.30
CA GLN A 58 -15.16 -12.06 5.26
C GLN A 58 -13.66 -12.23 5.47
N THR A 59 -12.88 -12.24 4.39
CA THR A 59 -11.44 -12.33 4.53
C THR A 59 -10.91 -11.14 5.32
N LEU A 60 -11.44 -9.93 5.05
CA LEU A 60 -11.06 -8.74 5.78
C LEU A 60 -11.33 -8.92 7.27
N ARG A 61 -12.51 -9.45 7.60
CA ARG A 61 -12.85 -9.65 9.00
C ARG A 61 -11.92 -10.68 9.65
N GLU A 62 -11.62 -11.77 8.94
CA GLU A 62 -10.75 -12.79 9.52
C GLU A 62 -9.34 -12.19 9.72
N ASN A 63 -8.90 -11.32 8.83
CA ASN A 63 -7.60 -10.67 9.00
C ASN A 63 -7.60 -9.72 10.21
N VAL A 64 -8.71 -8.99 10.41
CA VAL A 64 -8.87 -8.19 11.61
C VAL A 64 -8.74 -9.07 12.84
N ARG A 65 -9.39 -10.24 12.80
CA ARG A 65 -9.37 -11.10 13.96
C ARG A 65 -8.03 -11.75 14.16
N LYS A 66 -7.29 -11.98 13.10
CA LYS A 66 -5.94 -12.45 13.26
C LYS A 66 -4.96 -11.32 13.65
N ARG A 67 -5.47 -10.10 13.90
CA ARG A 67 -4.64 -8.97 14.30
C ARG A 67 -3.59 -8.62 13.26
N LEU A 68 -3.97 -8.71 11.98
CA LEU A 68 -3.03 -8.36 10.92
C LEU A 68 -2.92 -6.87 10.66
N TYR A 69 -3.79 -6.03 11.24
CA TYR A 69 -3.85 -4.61 10.92
C TYR A 69 -3.49 -3.81 12.17
N PRO A 70 -2.27 -3.27 12.22
CA PRO A 70 -1.91 -2.39 13.35
C PRO A 70 -2.37 -0.95 13.18
N SER A 71 -3.03 -0.58 12.08
CA SER A 71 -3.48 0.80 11.90
C SER A 71 -4.63 0.84 10.90
N ARG A 72 -5.27 2.03 10.83
CA ARG A 72 -6.30 2.31 9.82
C ARG A 72 -5.82 2.00 8.42
N GLU A 73 -4.55 2.32 8.13
CA GLU A 73 -4.08 2.37 6.75
C GLU A 73 -3.95 0.98 6.16
N GLU A 74 -3.45 -0.02 6.93
CA GLU A 74 -3.34 -1.37 6.36
C GLU A 74 -4.71 -1.98 6.12
N PHE A 75 -5.66 -1.71 7.04
CA PHE A 75 -7.04 -2.16 6.86
C PHE A 75 -7.65 -1.53 5.61
N ARG A 76 -7.51 -0.20 5.49
CA ARG A 76 -8.12 0.49 4.36
C ARG A 76 -7.51 0.04 3.04
N GLU A 77 -6.21 -0.26 3.02
CA GLU A 77 -5.58 -0.72 1.77
C GLU A 77 -6.19 -2.01 1.30
N HIS A 78 -6.41 -2.95 2.23
CA HIS A 78 -7.09 -4.16 1.80
C HIS A 78 -8.53 -3.87 1.41
N LEU A 79 -9.22 -3.00 2.14
CA LEU A 79 -10.61 -2.70 1.75
C LEU A 79 -10.66 -2.12 0.34
N GLU A 80 -9.70 -1.24 0.01
CA GLU A 80 -9.67 -0.64 -1.31
C GLU A 80 -9.46 -1.65 -2.42
N LEU A 81 -8.76 -2.75 -2.13
CA LEU A 81 -8.62 -3.78 -3.15
C LEU A 81 -9.99 -4.26 -3.66
N ILE A 82 -10.98 -4.33 -2.76
CA ILE A 82 -12.31 -4.78 -3.18
C ILE A 82 -12.83 -3.90 -4.32
N VAL A 83 -12.67 -2.57 -4.15
CA VAL A 83 -13.11 -1.61 -5.18
C VAL A 83 -12.23 -1.75 -6.43
N LYS A 84 -10.91 -1.77 -6.24
CA LYS A 84 -10.05 -1.83 -7.42
C LYS A 84 -10.32 -3.10 -8.23
N ASN A 85 -10.49 -4.23 -7.54
CA ASN A 85 -10.77 -5.46 -8.26
C ASN A 85 -12.06 -5.33 -9.03
N SER A 86 -13.08 -4.73 -8.41
CA SER A 86 -14.33 -4.61 -9.18
C SER A 86 -14.15 -3.71 -10.38
N ALA A 87 -13.43 -2.60 -10.20
CA ALA A 87 -13.21 -1.63 -11.29
C ALA A 87 -12.50 -2.32 -12.45
N THR A 88 -11.53 -3.18 -12.13
CA THR A 88 -10.79 -3.92 -13.14
C THR A 88 -11.65 -4.99 -13.78
N TYR A 89 -12.35 -5.79 -12.98
CA TYR A 89 -13.03 -6.95 -13.52
C TYR A 89 -14.35 -6.58 -14.16
N ASN A 90 -15.16 -5.80 -13.45
CA ASN A 90 -16.50 -5.39 -13.94
C ASN A 90 -16.50 -4.12 -14.75
N GLY A 91 -15.60 -3.19 -14.44
CA GLY A 91 -15.56 -1.92 -15.14
C GLY A 91 -15.72 -0.78 -14.12
N PRO A 92 -15.14 0.40 -14.43
CA PRO A 92 -15.13 1.51 -13.46
C PRO A 92 -16.51 2.04 -13.12
N LYS A 93 -17.49 1.91 -14.01
CA LYS A 93 -18.83 2.43 -13.75
C LYS A 93 -19.92 1.37 -13.50
N HIS A 94 -19.54 0.12 -13.53
CA HIS A 94 -20.46 -0.98 -13.27
C HIS A 94 -21.11 -0.79 -11.91
N SER A 95 -22.37 -1.23 -11.79
CA SER A 95 -23.02 -1.10 -10.50
C SER A 95 -22.23 -1.79 -9.41
N LEU A 96 -21.60 -2.94 -9.69
CA LEU A 96 -20.81 -3.58 -8.61
C LEU A 96 -19.68 -2.67 -8.12
N THR A 97 -19.04 -1.96 -9.02
CA THR A 97 -17.98 -1.04 -8.60
C THR A 97 -18.55 0.13 -7.79
N GLN A 98 -19.70 0.69 -8.21
CA GLN A 98 -20.34 1.72 -7.38
C GLN A 98 -20.70 1.19 -5.99
N ILE A 99 -21.20 -0.04 -5.91
CA ILE A 99 -21.54 -0.63 -4.62
C ILE A 99 -20.31 -0.79 -3.73
N SER A 100 -19.24 -1.36 -4.28
CA SER A 100 -18.02 -1.47 -3.47
C SER A 100 -17.49 -0.07 -3.07
N GLN A 101 -17.59 0.91 -3.97
CA GLN A 101 -17.17 2.25 -3.60
C GLN A 101 -18.00 2.78 -2.43
N SER A 102 -19.30 2.43 -2.40
CA SER A 102 -20.12 2.88 -1.27
C SER A 102 -19.60 2.31 0.06
N MET A 103 -19.04 1.12 0.05
CA MET A 103 -18.47 0.64 1.30
C MET A 103 -17.20 1.37 1.68
N LEU A 104 -16.29 1.63 0.71
CA LEU A 104 -15.10 2.42 1.02
C LEU A 104 -15.46 3.83 1.53
N ASP A 105 -16.48 4.44 0.94
CA ASP A 105 -16.91 5.75 1.39
C ASP A 105 -17.40 5.69 2.83
N LEU A 106 -18.16 4.66 3.18
CA LEU A 106 -18.64 4.57 4.56
C LEU A 106 -17.48 4.36 5.52
N CYS A 107 -16.54 3.52 5.10
CA CYS A 107 -15.35 3.33 5.89
C CYS A 107 -14.67 4.66 6.17
N ASP A 108 -14.47 5.46 5.12
CA ASP A 108 -13.80 6.74 5.30
C ASP A 108 -14.59 7.66 6.23
N GLU A 109 -15.92 7.64 6.15
CA GLU A 109 -16.71 8.42 7.13
C GLU A 109 -16.42 7.98 8.56
N LYS A 110 -16.44 6.68 8.81
CA LYS A 110 -16.25 6.18 10.17
C LYS A 110 -14.83 6.44 10.64
N LEU A 111 -13.85 6.26 9.77
CA LEU A 111 -12.47 6.55 10.14
C LEU A 111 -12.30 8.02 10.51
N LYS A 112 -12.99 8.91 9.78
CA LYS A 112 -12.94 10.34 10.11
C LYS A 112 -13.57 10.62 11.46
N GLU A 113 -14.73 10.01 11.71
CA GLU A 113 -15.41 10.25 12.98
C GLU A 113 -14.53 9.84 14.14
N LYS A 114 -13.74 8.77 14.00
CA LYS A 114 -13.00 8.19 15.10
C LYS A 114 -11.51 8.48 15.05
N GLU A 115 -11.09 9.53 14.32
CA GLU A 115 -9.67 9.65 13.98
C GLU A 115 -8.80 9.84 15.22
N ASP A 116 -9.27 10.59 16.23
CA ASP A 116 -8.42 10.84 17.41
C ASP A 116 -8.23 9.58 18.25
N LYS A 117 -9.31 8.83 18.47
CA LYS A 117 -9.18 7.56 19.17
C LYS A 117 -8.27 6.62 18.38
N LEU A 118 -8.47 6.54 17.07
CA LEU A 118 -7.63 5.66 16.24
C LEU A 118 -6.14 6.06 16.28
N ALA A 119 -5.84 7.37 16.21
CA ALA A 119 -4.46 7.84 16.31
C ALA A 119 -3.85 7.38 17.64
N ARG A 120 -4.63 7.45 18.71
CA ARG A 120 -4.09 7.09 20.01
C ARG A 120 -3.79 5.61 20.06
N LEU A 121 -4.72 4.81 19.55
CA LEU A 121 -4.48 3.37 19.54
C LEU A 121 -3.29 3.04 18.68
N GLU A 122 -3.20 3.69 17.54
CA GLU A 122 -2.12 3.35 16.62
C GLU A 122 -0.77 3.65 17.22
N LYS A 123 -0.68 4.77 17.92
CA LYS A 123 0.56 5.17 18.58
C LYS A 123 0.87 4.23 19.76
N ALA A 124 -0.15 3.73 20.44
CA ALA A 124 0.16 2.80 21.54
C ALA A 124 0.65 1.47 20.99
N ILE A 125 0.15 1.08 19.83
CA ILE A 125 0.61 -0.14 19.20
C ILE A 125 2.02 0.03 18.62
N ASN A 126 2.30 1.17 18.03
CA ASN A 126 3.58 1.43 17.37
C ASN A 126 4.01 2.85 17.66
N PRO A 127 4.82 3.04 18.71
CA PRO A 127 5.25 4.38 19.12
C PRO A 127 6.00 5.16 18.06
N LEU A 128 6.57 4.49 17.05
CA LEU A 128 7.29 5.22 16.03
C LEU A 128 6.37 6.08 15.20
N LEU A 129 5.07 5.75 15.15
CA LEU A 129 4.15 6.59 14.42
C LEU A 129 4.04 7.96 15.05
N ASP A 130 4.46 8.11 16.31
CA ASP A 130 4.43 9.40 17.01
C ASP A 130 5.81 10.03 17.11
N ASP A 131 6.82 9.43 16.51
CA ASP A 131 8.20 9.93 16.65
C ASP A 131 8.47 11.00 15.59
N ASP A 132 8.89 12.17 16.05
CA ASP A 132 9.06 13.30 15.15
C ASP A 132 10.16 13.04 14.14
N ASP A 133 11.16 12.25 14.52
CA ASP A 133 12.21 11.94 13.56
C ASP A 133 11.72 10.93 12.53
N GLN A 134 10.96 9.94 12.95
CA GLN A 134 10.34 9.04 11.97
C GLN A 134 9.47 9.81 10.99
N VAL A 135 8.65 10.73 11.50
CA VAL A 135 7.72 11.50 10.67
C VAL A 135 8.49 12.36 9.68
N ALA A 136 9.54 13.03 10.15
CA ALA A 136 10.32 13.86 9.23
C ALA A 136 11.02 13.02 8.18
N PHE A 137 11.55 11.85 8.59
CA PHE A 137 12.23 10.97 7.65
C PHE A 137 11.29 10.50 6.54
N SER A 138 10.10 10.04 6.94
CA SER A 138 9.11 9.58 5.96
C SER A 138 8.71 10.73 5.05
N PHE A 139 8.59 11.95 5.59
CA PHE A 139 8.24 13.10 4.76
C PHE A 139 9.29 13.37 3.70
N ILE A 140 10.55 13.27 4.05
CA ILE A 140 11.58 13.48 3.04
C ILE A 140 11.54 12.39 1.96
N LEU A 141 11.44 11.11 2.38
CA LEU A 141 11.38 10.01 1.38
C LEU A 141 10.21 10.23 0.44
N ASP A 142 9.06 10.63 0.97
CA ASP A 142 7.90 10.82 0.10
C ASP A 142 8.13 11.92 -0.92
N ASN A 143 8.80 13.01 -0.50
CA ASN A 143 9.09 14.09 -1.43
C ASN A 143 10.11 13.65 -2.50
N ILE A 144 11.08 12.83 -2.11
CA ILE A 144 11.97 12.30 -3.11
C ILE A 144 11.20 11.49 -4.14
N VAL A 145 10.25 10.68 -3.67
CA VAL A 145 9.49 9.86 -4.64
C VAL A 145 8.67 10.76 -5.56
N THR A 146 7.93 11.71 -4.98
CA THR A 146 6.99 12.46 -5.81
C THR A 146 7.67 13.54 -6.63
N GLN A 147 8.70 14.21 -6.10
CA GLN A 147 9.23 15.38 -6.80
C GLN A 147 10.41 15.02 -7.67
N LYS A 148 11.09 13.91 -7.39
CA LYS A 148 12.28 13.50 -8.16
C LYS A 148 12.03 12.23 -8.96
N MET A 149 11.63 11.15 -8.31
CA MET A 149 11.56 9.86 -9.00
C MET A 149 10.34 9.83 -9.95
N MET A 150 9.17 10.30 -9.50
CA MET A 150 8.03 10.31 -10.42
C MET A 150 8.14 11.39 -11.48
N ALA A 151 9.07 12.33 -11.32
CA ALA A 151 9.31 13.33 -12.34
C ALA A 151 10.26 12.85 -13.43
N VAL A 152 10.85 11.66 -13.32
CA VAL A 152 11.68 11.16 -14.43
C VAL A 152 10.81 11.01 -15.68
N PRO A 153 11.26 11.50 -16.85
CA PRO A 153 10.43 11.39 -18.07
C PRO A 153 10.02 9.96 -18.38
N ASP A 154 8.76 9.82 -18.77
CA ASP A 154 8.21 8.51 -19.18
C ASP A 154 8.31 7.48 -18.07
N SER A 155 8.28 7.93 -16.82
CA SER A 155 8.32 7.00 -15.69
C SER A 155 6.93 6.39 -15.38
N TRP A 156 5.88 6.72 -16.16
CA TRP A 156 4.52 6.26 -15.88
C TRP A 156 4.43 4.75 -15.71
N PRO A 157 5.20 3.89 -16.38
CA PRO A 157 5.01 2.44 -16.14
C PRO A 157 5.26 2.04 -14.71
N PHE A 158 6.01 2.84 -13.97
CA PHE A 158 6.44 2.48 -12.62
C PHE A 158 5.67 3.21 -11.54
N HIS A 159 4.68 4.02 -11.90
CA HIS A 159 3.93 4.81 -10.92
C HIS A 159 2.95 4.00 -10.12
N HIS A 160 2.48 2.86 -10.62
CA HIS A 160 1.42 2.06 -10.00
C HIS A 160 1.74 0.58 -10.24
N PRO A 161 1.12 -0.35 -9.48
CA PRO A 161 1.26 -1.78 -9.80
C PRO A 161 0.75 -2.08 -11.22
N VAL A 162 1.46 -3.01 -11.89
CA VAL A 162 1.03 -3.50 -13.20
C VAL A 162 -0.32 -4.15 -12.99
N ASN A 163 -1.25 -3.84 -13.87
CA ASN A 163 -2.55 -4.46 -13.83
C ASN A 163 -2.53 -5.69 -14.70
N LYS A 164 -2.69 -6.87 -14.11
CA LYS A 164 -2.63 -8.10 -14.88
C LYS A 164 -3.68 -8.12 -15.99
N LYS A 165 -4.76 -7.34 -15.86
CA LYS A 165 -5.71 -7.28 -16.98
C LYS A 165 -5.02 -6.79 -18.25
N PHE A 166 -4.08 -5.89 -18.09
CA PHE A 166 -3.42 -5.28 -19.24
C PHE A 166 -2.15 -5.97 -19.61
N VAL A 167 -1.52 -6.65 -18.67
CA VAL A 167 -0.29 -7.39 -18.94
C VAL A 167 -0.44 -8.81 -18.37
N PRO A 168 -1.11 -9.71 -19.10
CA PRO A 168 -1.62 -10.94 -18.47
C PRO A 168 -0.55 -11.87 -17.93
N ASP A 169 0.68 -11.86 -18.46
CA ASP A 169 1.69 -12.79 -17.99
C ASP A 169 2.64 -12.13 -16.98
N TYR A 170 2.34 -10.88 -16.58
CA TYR A 170 3.34 -10.13 -15.83
C TYR A 170 3.72 -10.83 -14.53
N TYR A 171 2.72 -11.35 -13.79
CA TYR A 171 2.99 -11.87 -12.45
C TYR A 171 3.35 -13.35 -12.47
N LYS A 172 3.24 -13.96 -13.64
CA LYS A 172 3.84 -15.27 -13.80
C LYS A 172 5.37 -15.17 -13.89
N VAL A 173 5.89 -14.02 -14.36
CA VAL A 173 7.32 -13.74 -14.42
C VAL A 173 7.80 -13.03 -13.17
N ILE A 174 7.07 -12.02 -12.72
CA ILE A 174 7.49 -11.16 -11.59
C ILE A 174 6.69 -11.58 -10.35
N VAL A 175 7.33 -12.33 -9.45
CA VAL A 175 6.62 -12.81 -8.26
C VAL A 175 6.86 -11.92 -7.07
N ASN A 176 7.82 -10.99 -7.16
CA ASN A 176 8.08 -9.99 -6.14
C ASN A 176 7.93 -8.57 -6.72
N PRO A 177 6.71 -8.16 -7.04
CA PRO A 177 6.52 -6.87 -7.73
C PRO A 177 6.74 -5.68 -6.80
N MET A 178 7.07 -4.54 -7.40
CA MET A 178 7.19 -3.31 -6.63
C MET A 178 6.95 -2.15 -7.59
N ASP A 179 6.43 -1.02 -7.09
CA ASP A 179 6.12 0.15 -7.89
C ASP A 179 6.16 1.36 -6.96
N LEU A 180 6.16 2.56 -7.55
CA LEU A 180 6.34 3.75 -6.73
C LEU A 180 5.12 4.05 -5.85
N GLU A 181 3.90 3.73 -6.31
CA GLU A 181 2.74 3.96 -5.43
C GLU A 181 2.84 3.06 -4.18
N THR A 182 3.20 1.79 -4.37
CA THR A 182 3.37 0.90 -3.21
C THR A 182 4.44 1.45 -2.26
N ILE A 183 5.52 1.98 -2.81
CA ILE A 183 6.53 2.62 -1.96
C ILE A 183 5.94 3.81 -1.21
N ARG A 184 5.16 4.66 -1.89
CA ARG A 184 4.56 5.77 -1.16
C ARG A 184 3.65 5.29 -0.05
N LYS A 185 2.88 4.23 -0.28
CA LYS A 185 2.02 3.69 0.79
C LYS A 185 2.87 3.18 1.95
N ASN A 186 3.98 2.48 1.63
CA ASN A 186 4.89 2.03 2.69
C ASN A 186 5.44 3.21 3.48
N ILE A 187 5.81 4.27 2.78
CA ILE A 187 6.27 5.50 3.47
C ILE A 187 5.17 6.06 4.36
N SER A 188 3.94 6.12 3.85
CA SER A 188 2.86 6.65 4.68
C SER A 188 2.65 5.80 5.92
N LYS A 189 2.93 4.47 5.84
CA LYS A 189 2.86 3.59 7.00
C LYS A 189 4.14 3.58 7.84
N HIS A 190 5.12 4.41 7.52
CA HIS A 190 6.37 4.50 8.26
C HIS A 190 7.05 3.15 8.30
N LYS A 191 7.02 2.47 7.16
CA LYS A 191 7.65 1.18 7.01
C LYS A 191 9.18 1.31 7.01
N TYR A 192 9.69 2.42 6.57
CA TYR A 192 11.12 2.55 6.38
C TYR A 192 11.72 3.34 7.53
N GLN A 193 12.64 2.71 8.26
CA GLN A 193 13.41 3.38 9.33
C GLN A 193 14.78 3.85 8.88
N SER A 194 15.21 3.54 7.63
CA SER A 194 16.46 4.06 7.12
C SER A 194 16.48 3.97 5.60
N ARG A 195 17.51 4.57 4.98
CA ARG A 195 17.45 4.59 3.54
C ARG A 195 17.68 3.20 2.95
N GLU A 196 18.31 2.28 3.69
CA GLU A 196 18.56 0.93 3.14
C GLU A 196 17.27 0.15 2.82
N SER A 197 16.27 0.08 3.74
CA SER A 197 15.02 -0.69 3.42
C SER A 197 14.25 0.00 2.30
N PHE A 198 14.26 1.32 2.30
CA PHE A 198 13.65 2.06 1.17
C PHE A 198 14.34 1.69 -0.14
N LEU A 199 15.66 1.65 -0.13
CA LEU A 199 16.39 1.34 -1.35
C LEU A 199 16.22 -0.13 -1.75
N ASP A 200 15.94 -1.02 -0.79
CA ASP A 200 15.61 -2.42 -1.15
C ASP A 200 14.39 -2.42 -2.06
N ASP A 201 13.38 -1.63 -1.69
CA ASP A 201 12.17 -1.58 -2.55
C ASP A 201 12.39 -0.82 -3.85
N VAL A 202 13.10 0.30 -3.81
CA VAL A 202 13.39 1.03 -5.05
C VAL A 202 14.10 0.14 -6.04
N ASN A 203 15.13 -0.55 -5.58
CA ASN A 203 15.88 -1.38 -6.50
C ASN A 203 15.07 -2.56 -6.99
N LEU A 204 14.09 -3.04 -6.22
CA LEU A 204 13.27 -4.13 -6.72
C LEU A 204 12.52 -3.71 -7.98
N ILE A 205 12.15 -2.42 -8.06
CA ILE A 205 11.51 -1.94 -9.30
C ILE A 205 12.42 -2.17 -10.50
N LEU A 206 13.71 -1.82 -10.34
CA LEU A 206 14.65 -1.97 -11.45
C LEU A 206 14.92 -3.45 -11.74
N ALA A 207 15.07 -4.26 -10.70
CA ALA A 207 15.29 -5.69 -10.88
C ALA A 207 14.13 -6.32 -11.64
N ASN A 208 12.90 -5.91 -11.32
CA ASN A 208 11.79 -6.50 -12.03
C ASN A 208 11.78 -6.09 -13.47
N SER A 209 12.18 -4.85 -13.78
CA SER A 209 12.23 -4.48 -15.20
C SER A 209 13.33 -5.24 -15.93
N VAL A 210 14.49 -5.40 -15.30
CA VAL A 210 15.55 -6.19 -15.95
C VAL A 210 15.04 -7.58 -16.27
N LYS A 211 14.35 -8.21 -15.28
CA LYS A 211 13.87 -9.58 -15.47
C LYS A 211 12.78 -9.64 -16.53
N TYR A 212 11.79 -8.71 -16.48
CA TYR A 212 10.66 -8.83 -17.39
C TYR A 212 10.92 -8.20 -18.76
N ASN A 213 11.59 -7.07 -18.81
CA ASN A 213 11.78 -6.34 -20.05
C ASN A 213 13.14 -6.56 -20.67
N GLY A 214 14.17 -6.89 -19.89
CA GLY A 214 15.45 -7.08 -20.47
C GLY A 214 16.31 -5.91 -20.12
N PRO A 215 17.62 -6.13 -20.07
CA PRO A 215 18.51 -5.07 -19.65
C PRO A 215 18.56 -3.91 -20.58
N GLU A 216 18.19 -4.08 -21.86
CA GLU A 216 18.36 -2.99 -22.79
C GLU A 216 17.03 -2.34 -23.17
N SER A 217 15.91 -2.79 -22.59
CA SER A 217 14.60 -2.23 -22.86
C SER A 217 14.57 -0.77 -22.46
N GLN A 218 13.76 0.04 -23.16
CA GLN A 218 13.57 1.42 -22.68
C GLN A 218 12.94 1.47 -21.28
N TYR A 219 12.06 0.50 -20.94
CA TYR A 219 11.53 0.41 -19.60
C TYR A 219 12.64 0.30 -18.57
N THR A 220 13.62 -0.51 -18.88
CA THR A 220 14.70 -0.68 -17.91
C THR A 220 15.60 0.56 -17.86
N LYS A 221 15.82 1.21 -18.99
CA LYS A 221 16.59 2.46 -18.95
C LYS A 221 15.89 3.49 -18.09
N THR A 222 14.56 3.60 -18.22
CA THR A 222 13.82 4.52 -17.37
C THR A 222 13.93 4.16 -15.89
N ALA A 223 13.75 2.88 -15.58
CA ALA A 223 13.87 2.43 -14.20
C ALA A 223 15.27 2.71 -13.64
N GLN A 224 16.30 2.53 -14.46
CA GLN A 224 17.66 2.86 -14.04
C GLN A 224 17.79 4.34 -13.71
N GLU A 225 17.12 5.20 -14.49
CA GLU A 225 17.17 6.63 -14.21
C GLU A 225 16.42 6.95 -12.91
N ILE A 226 15.30 6.26 -12.66
CA ILE A 226 14.61 6.43 -11.40
C ILE A 226 15.54 6.10 -10.22
N VAL A 227 16.22 4.97 -10.31
CA VAL A 227 17.10 4.59 -9.21
C VAL A 227 18.24 5.62 -9.09
N ASN A 228 18.81 6.07 -10.22
CA ASN A 228 19.93 7.00 -10.15
C ASN A 228 19.53 8.36 -9.55
N VAL A 229 18.36 8.89 -9.93
CA VAL A 229 18.03 10.19 -9.34
C VAL A 229 17.70 10.01 -7.87
N CYS A 230 17.23 8.81 -7.49
CA CYS A 230 17.04 8.52 -6.06
C CYS A 230 18.36 8.59 -5.32
N TYR A 231 19.41 7.93 -5.83
CA TYR A 231 20.71 8.00 -5.15
C TYR A 231 21.19 9.46 -5.09
N GLN A 232 21.08 10.19 -6.21
CA GLN A 232 21.52 11.59 -6.24
C GLN A 232 20.81 12.45 -5.19
N THR A 233 19.51 12.24 -5.04
CA THR A 233 18.78 13.07 -4.11
C THR A 233 19.09 12.64 -2.67
N LEU A 234 19.22 11.33 -2.39
CA LEU A 234 19.65 10.92 -1.05
C LEU A 234 21.01 11.52 -0.70
N THR A 235 21.93 11.57 -1.66
CA THR A 235 23.26 12.13 -1.37
C THR A 235 23.14 13.61 -1.01
N GLU A 236 22.25 14.32 -1.69
CA GLU A 236 22.08 15.75 -1.40
C GLU A 236 21.61 15.96 0.03
N TYR A 237 20.76 15.06 0.54
CA TYR A 237 20.25 15.16 1.91
C TYR A 237 20.97 14.26 2.90
N ASP A 238 22.16 13.79 2.58
CA ASP A 238 22.79 12.77 3.40
C ASP A 238 22.94 13.17 4.87
N GLU A 239 23.28 14.41 5.17
CA GLU A 239 23.70 14.59 6.56
C GLU A 239 22.44 14.68 7.43
N HIS A 240 21.37 15.30 6.91
CA HIS A 240 20.09 15.30 7.61
C HIS A 240 19.52 13.88 7.74
N LEU A 241 19.56 13.11 6.66
CA LEU A 241 19.05 11.74 6.72
C LEU A 241 19.82 10.90 7.71
N THR A 242 21.15 11.11 7.79
CA THR A 242 21.94 10.35 8.75
C THR A 242 21.57 10.68 10.19
N GLN A 243 21.33 11.95 10.47
CA GLN A 243 20.93 12.29 11.83
C GLN A 243 19.56 11.67 12.15
N LEU A 244 18.62 11.75 11.20
CA LEU A 244 17.29 11.17 11.41
C LEU A 244 17.35 9.68 11.61
N GLU A 245 18.18 8.97 10.83
CA GLU A 245 18.29 7.52 10.98
C GLU A 245 18.87 7.15 12.34
N LYS A 246 19.86 7.91 12.81
CA LYS A 246 20.42 7.65 14.13
C LYS A 246 19.36 7.85 15.22
N ASP A 247 18.60 8.94 15.12
CA ASP A 247 17.61 9.24 16.16
C ASP A 247 16.43 8.28 16.09
N ILE A 248 16.10 7.78 14.91
CA ILE A 248 15.06 6.76 14.81
C ILE A 248 15.53 5.47 15.45
N CYS A 249 16.78 5.06 15.19
CA CYS A 249 17.31 3.86 15.83
C CYS A 249 17.25 4.00 17.35
N THR A 250 17.64 5.17 17.89
CA THR A 250 17.55 5.39 19.34
C THR A 250 16.11 5.29 19.85
N ALA A 251 15.15 5.89 19.13
CA ALA A 251 13.74 5.76 19.50
C ALA A 251 13.27 4.31 19.42
N LYS A 252 13.67 3.60 18.37
CA LYS A 252 13.29 2.20 18.16
C LYS A 252 13.78 1.34 19.31
N GLU A 253 15.02 1.61 19.77
CA GLU A 253 15.60 0.85 20.87
C GLU A 253 14.87 1.19 22.17
N ALA A 254 14.43 2.44 22.32
CA ALA A 254 13.76 2.86 23.53
C ALA A 254 12.37 2.25 23.68
N ALA A 255 11.74 1.82 22.58
CA ALA A 255 10.44 1.19 22.68
C ALA A 255 10.53 -0.23 23.19
N LEU A 256 11.48 -0.52 24.09
CA LEU A 256 11.75 -1.90 24.51
C LEU A 256 11.93 -2.04 26.04
#